data_2A9N
#
_entry.id   2A9N
#
_cell.length_a   81.382
_cell.length_b   100.460
_cell.length_c   61.749
_cell.angle_alpha   90.00
_cell.angle_beta   90.00
_cell.angle_gamma   90.00
#
_symmetry.space_group_name_H-M   'P 21 21 2'
#
loop_
_entity.id
_entity.type
_entity.pdbx_description
1 polymer fluorescein-scfv
2 non-polymer '4-(2,7-DIFLUORO-6-HYDROXY-3-OXO-3H-XANTHEN-9-YL)ISOPHTHALIC ACID'
#
_entity_poly.entity_id   1
_entity_poly.type   'polypeptide(L)'
_entity_poly.pdbx_seq_one_letter_code
;QVQLVESGGNLVQPGGSLRLSCAASGFTFGSFSMSWVRQAPGGGLEWVAGLSARSSLTHYADSVKGRFTISRDNAKNSVY
LQMNSLRVEDTAVYYCARRSYDSSGYAGHFYSYMDVWGQGTLVTVSSGGGGSGGGGSGGGGSQSVLTQPSSVSAAPGQKV
TISCSGSTSNIGNNYVSWYQQHPGKAPKLMIYDVSKRPSGVPDRFSGSKSGNSASLDISGLQSEDEADYYCAAWDDSLSE
FLFGTGTKLTVLGASGADHHHHHH
;
_entity_poly.pdbx_strand_id   A,B
#
# COMPACT_ATOMS: atom_id res chain seq x y z
N GLN A 1 -9.15 16.10 -2.48
CA GLN A 1 -7.75 16.02 -2.02
C GLN A 1 -6.81 15.13 -2.85
N VAL A 2 -5.54 15.34 -2.52
CA VAL A 2 -4.43 14.70 -3.17
C VAL A 2 -3.95 13.54 -2.34
N GLN A 3 -3.25 12.64 -3.00
CA GLN A 3 -2.55 11.56 -2.33
C GLN A 3 -1.60 10.84 -3.28
N LEU A 4 -0.65 10.15 -2.68
CA LEU A 4 0.24 9.27 -3.40
C LEU A 4 -0.14 7.85 -3.06
N VAL A 5 -0.35 7.02 -4.09
CA VAL A 5 -0.58 5.58 -3.88
C VAL A 5 0.61 4.78 -4.37
N GLU A 6 1.19 3.99 -3.47
CA GLU A 6 2.34 3.16 -3.79
C GLU A 6 1.94 1.70 -3.95
N SER A 7 2.62 1.01 -4.86
CA SER A 7 2.47 -0.43 -5.03
C SER A 7 3.76 -1.03 -5.55
N GLY A 8 3.85 -2.36 -5.57
CA GLY A 8 5.04 -3.04 -6.07
C GLY A 8 5.78 -3.85 -5.03
N GLY A 9 5.72 -3.40 -3.78
CA GLY A 9 6.29 -4.13 -2.64
C GLY A 9 6.13 -5.65 -2.68
N ASN A 10 7.22 -6.36 -2.41
CA ASN A 10 7.18 -7.82 -2.40
C ASN A 10 8.39 -8.50 -1.75
N LEU A 11 8.15 -9.73 -1.30
CA LEU A 11 9.18 -10.66 -0.87
C LEU A 11 10.05 -11.03 -2.08
N VAL A 12 11.36 -10.79 -2.00
CA VAL A 12 12.28 -11.14 -3.08
C VAL A 12 13.62 -11.71 -2.58
N GLN A 13 14.30 -12.41 -3.48
CA GLN A 13 15.61 -13.00 -3.18
C GLN A 13 16.70 -11.93 -3.22
N PRO A 14 17.87 -12.21 -2.67
CA PRO A 14 19.00 -11.27 -2.79
C PRO A 14 19.63 -11.35 -4.18
N GLY A 15 19.69 -10.20 -4.85
CA GLY A 15 20.15 -10.12 -6.21
C GLY A 15 18.99 -9.83 -7.13
N GLY A 16 17.78 -10.05 -6.63
CA GLY A 16 16.58 -9.85 -7.42
C GLY A 16 16.38 -8.39 -7.76
N SER A 17 15.61 -8.13 -8.80
CA SER A 17 15.16 -6.76 -9.05
C SER A 17 13.73 -6.61 -8.53
N LEU A 18 13.21 -5.39 -8.61
CA LEU A 18 11.88 -5.04 -8.12
C LEU A 18 11.57 -3.59 -8.50
N ARG A 19 10.36 -3.36 -8.97
CA ARG A 19 9.97 -2.01 -9.39
C ARG A 19 8.85 -1.50 -8.49
N LEU A 20 9.14 -0.42 -7.75
CA LEU A 20 8.13 0.25 -6.93
C LEU A 20 7.52 1.40 -7.72
N SER A 21 6.36 1.84 -7.27
CA SER A 21 5.60 2.85 -8.01
C SER A 21 4.91 3.78 -7.04
N CYS A 22 4.80 5.04 -7.47
CA CYS A 22 4.27 6.10 -6.64
C CYS A 22 3.41 6.90 -7.59
N ALA A 23 2.11 6.65 -7.54
CA ALA A 23 1.16 7.28 -8.46
C ALA A 23 0.51 8.48 -7.82
N ALA A 24 0.29 9.52 -8.61
CA ALA A 24 -0.37 10.72 -8.13
C ALA A 24 -1.83 10.74 -8.53
N SER A 25 -2.66 11.27 -7.66
CA SER A 25 -4.04 11.54 -8.03
C SER A 25 -4.49 12.82 -7.34
N GLY A 26 -5.24 13.65 -8.08
CA GLY A 26 -5.68 14.95 -7.59
C GLY A 26 -4.80 16.05 -8.12
N PHE A 27 -3.61 15.67 -8.61
CA PHE A 27 -2.66 16.61 -9.18
C PHE A 27 -1.74 15.94 -10.19
N THR A 28 -0.96 16.76 -10.90
CA THR A 28 -0.09 16.30 -12.00
C THR A 28 1.37 16.24 -11.54
N PHE A 29 1.95 15.03 -11.56
CA PHE A 29 3.21 14.76 -10.85
C PHE A 29 4.40 15.38 -11.57
N GLY A 30 4.27 15.54 -12.89
CA GLY A 30 5.31 16.13 -13.72
C GLY A 30 5.74 17.55 -13.37
N SER A 31 4.85 18.30 -12.73
CA SER A 31 5.09 19.69 -12.38
C SER A 31 5.63 19.85 -10.95
N PHE A 32 6.10 18.75 -10.35
CA PHE A 32 6.43 18.70 -8.92
C PHE A 32 7.70 17.88 -8.66
N SER A 33 8.41 18.25 -7.61
CA SER A 33 9.60 17.52 -7.18
C SER A 33 9.16 16.40 -6.27
N MET A 34 9.96 15.35 -6.16
CA MET A 34 9.64 14.25 -5.23
C MET A 34 10.86 13.55 -4.66
N SER A 35 10.66 12.84 -3.56
CA SER A 35 11.71 12.06 -2.93
C SER A 35 11.25 10.67 -2.59
N TRP A 36 12.21 9.82 -2.26
CA TRP A 36 11.97 8.46 -1.79
C TRP A 36 12.72 8.32 -0.48
N VAL A 37 11.97 8.11 0.60
CA VAL A 37 12.53 7.87 1.93
C VAL A 37 12.10 6.50 2.36
N ARG A 38 13.04 5.67 2.83
CA ARG A 38 12.71 4.37 3.40
C ARG A 38 12.95 4.30 4.92
N GLN A 39 12.36 3.31 5.55
CA GLN A 39 12.43 3.14 7.00
C GLN A 39 12.44 1.65 7.35
N ALA A 40 13.64 1.12 7.58
CA ALA A 40 13.83 -0.25 8.07
C ALA A 40 13.00 -0.53 9.32
N PRO A 41 12.75 -1.80 9.62
CA PRO A 41 11.95 -2.18 10.78
C PRO A 41 12.63 -1.83 12.11
N GLY A 42 12.09 -0.84 12.81
CA GLY A 42 12.63 -0.36 14.07
C GLY A 42 13.74 0.67 13.93
N GLY A 43 13.98 1.13 12.71
CA GLY A 43 14.91 2.22 12.43
C GLY A 43 14.20 3.56 12.29
N GLY A 44 14.97 4.56 11.87
CA GLY A 44 14.46 5.87 11.57
C GLY A 44 14.46 6.08 10.08
N LEU A 45 14.09 7.29 9.67
CA LEU A 45 13.95 7.65 8.28
C LEU A 45 15.31 7.72 7.60
N GLU A 46 15.33 7.42 6.31
CA GLU A 46 16.56 7.47 5.52
C GLU A 46 16.26 7.87 4.08
N TRP A 47 16.87 8.95 3.64
CA TRP A 47 16.72 9.39 2.28
C TRP A 47 17.35 8.37 1.35
N VAL A 48 16.88 8.34 0.10
CA VAL A 48 17.28 7.35 -0.86
C VAL A 48 17.52 7.95 -2.22
N ALA A 49 16.58 8.76 -2.71
CA ALA A 49 16.68 9.30 -4.06
C ALA A 49 15.64 10.38 -4.30
N GLY A 50 15.79 11.16 -5.36
CA GLY A 50 14.90 12.28 -5.61
C GLY A 50 14.94 12.87 -7.01
N LEU A 51 13.96 13.71 -7.31
CA LEU A 51 13.72 14.28 -8.63
C LEU A 51 13.55 15.78 -8.52
N SER A 52 14.20 16.52 -9.42
CA SER A 52 14.07 17.97 -9.48
C SER A 52 12.84 18.27 -10.32
N ALA A 53 12.19 19.38 -10.02
CA ALA A 53 10.93 19.73 -10.64
C ALA A 53 11.09 20.03 -12.13
N ARG A 54 11.59 21.23 -12.44
CA ARG A 54 11.51 21.76 -13.81
C ARG A 54 12.46 21.09 -14.80
N SER A 55 13.43 20.34 -14.31
CA SER A 55 14.33 19.61 -15.19
C SER A 55 13.95 18.17 -14.99
N SER A 56 14.95 17.27 -14.94
CA SER A 56 14.72 15.90 -14.49
C SER A 56 16.01 15.37 -13.90
N LEU A 57 16.50 16.10 -12.92
CA LEU A 57 17.78 15.77 -12.35
C LEU A 57 17.57 14.87 -11.15
N THR A 58 18.18 13.70 -11.23
CA THR A 58 18.17 12.74 -10.15
C THR A 58 19.35 12.99 -9.23
N HIS A 59 19.18 12.66 -7.96
CA HIS A 59 20.28 12.54 -7.04
C HIS A 59 20.04 11.30 -6.19
N TYR A 60 21.11 10.56 -5.91
CA TYR A 60 21.00 9.33 -5.17
C TYR A 60 21.84 9.32 -3.90
N ALA A 61 21.50 8.44 -2.98
CA ALA A 61 22.24 8.29 -1.75
C ALA A 61 23.34 7.26 -1.98
N ASP A 62 24.52 7.54 -1.41
CA ASP A 62 25.72 6.76 -1.64
C ASP A 62 25.48 5.25 -1.49
N SER A 63 24.66 4.86 -0.52
CA SER A 63 24.39 3.45 -0.28
C SER A 63 23.83 2.76 -1.52
N VAL A 64 22.75 3.30 -2.07
CA VAL A 64 22.05 2.68 -3.20
C VAL A 64 22.47 3.20 -4.59
N LYS A 65 23.55 4.00 -4.67
CA LYS A 65 24.01 4.55 -5.96
C LYS A 65 24.44 3.46 -6.95
N GLY A 66 23.90 3.53 -8.17
CA GLY A 66 24.23 2.57 -9.23
C GLY A 66 23.34 1.35 -9.28
N ARG A 67 22.72 1.01 -8.16
CA ARG A 67 21.73 -0.06 -8.11
C ARG A 67 20.31 0.47 -8.39
N PHE A 68 19.97 1.62 -7.82
CA PHE A 68 18.59 2.13 -7.88
C PHE A 68 18.48 3.18 -8.97
N THR A 69 17.34 3.20 -9.65
CA THR A 69 17.09 4.17 -10.69
C THR A 69 15.68 4.75 -10.53
N ILE A 70 15.52 6.01 -10.90
CA ILE A 70 14.27 6.70 -10.68
C ILE A 70 13.90 7.48 -11.92
N SER A 71 12.93 6.94 -12.65
CA SER A 71 12.37 7.56 -13.86
C SER A 71 10.99 8.13 -13.52
N ARG A 72 10.44 8.97 -14.40
CA ARG A 72 9.01 9.29 -14.26
C ARG A 72 8.21 8.87 -15.49
N ASP A 73 6.88 8.90 -15.35
CA ASP A 73 5.96 8.56 -16.43
C ASP A 73 4.80 9.56 -16.49
N ASN A 74 5.05 10.68 -17.14
CA ASN A 74 4.06 11.74 -17.27
C ASN A 74 2.69 11.23 -17.81
N ALA A 75 2.68 10.14 -18.57
CA ALA A 75 1.42 9.60 -19.10
C ALA A 75 0.59 8.86 -18.06
N LYS A 76 1.25 8.05 -17.22
CA LYS A 76 0.59 7.39 -16.07
C LYS A 76 0.63 8.20 -14.73
N ASN A 77 0.92 9.50 -14.81
CA ASN A 77 0.92 10.42 -13.66
C ASN A 77 1.58 9.86 -12.42
N SER A 78 2.75 9.25 -12.62
CA SER A 78 3.45 8.55 -11.55
C SER A 78 4.97 8.56 -11.76
N VAL A 79 5.70 7.98 -10.80
CA VAL A 79 7.15 7.90 -10.80
C VAL A 79 7.55 6.54 -10.26
N TYR A 80 8.42 5.81 -10.97
CA TYR A 80 8.86 4.48 -10.52
C TYR A 80 10.25 4.50 -9.90
N LEU A 81 10.50 3.56 -9.01
CA LEU A 81 11.82 3.32 -8.45
C LEU A 81 12.25 1.92 -8.82
N GLN A 82 13.19 1.83 -9.75
CA GLN A 82 13.78 0.55 -10.17
C GLN A 82 14.94 0.13 -9.24
N MET A 83 14.68 -0.80 -8.33
CA MET A 83 15.72 -1.33 -7.44
C MET A 83 16.33 -2.59 -8.05
N ASN A 84 17.63 -2.55 -8.30
CA ASN A 84 18.37 -3.71 -8.81
C ASN A 84 19.38 -4.23 -7.81
N SER A 85 19.77 -5.49 -7.99
CA SER A 85 20.78 -6.13 -7.14
C SER A 85 20.48 -5.88 -5.68
N LEU A 86 19.26 -6.17 -5.27
CA LEU A 86 18.84 -5.91 -3.91
C LEU A 86 19.68 -6.68 -2.90
N ARG A 87 19.79 -6.10 -1.71
CA ARG A 87 20.53 -6.66 -0.58
C ARG A 87 19.65 -6.60 0.67
N VAL A 88 19.99 -7.40 1.68
CA VAL A 88 19.15 -7.54 2.90
C VAL A 88 18.90 -6.26 3.66
N GLU A 89 19.81 -5.29 3.55
CA GLU A 89 19.70 -4.06 4.31
C GLU A 89 18.65 -3.14 3.66
N ASP A 90 18.39 -3.34 2.35
CA ASP A 90 17.32 -2.63 1.63
C ASP A 90 15.93 -2.93 2.19
N THR A 91 15.80 -4.04 2.91
CA THR A 91 14.60 -4.39 3.65
C THR A 91 14.12 -3.20 4.47
N ALA A 92 12.89 -2.76 4.16
CA ALA A 92 12.24 -1.61 4.80
C ALA A 92 10.96 -1.27 4.06
N VAL A 93 10.12 -0.44 4.68
CA VAL A 93 8.98 0.17 3.98
C VAL A 93 9.46 1.43 3.25
N TYR A 94 9.28 1.49 1.93
CA TYR A 94 9.65 2.67 1.14
C TYR A 94 8.50 3.68 0.97
N TYR A 95 8.70 4.90 1.47
CA TYR A 95 7.75 6.01 1.30
C TYR A 95 8.16 6.88 0.13
N CYS A 96 7.18 7.56 -0.46
CA CYS A 96 7.44 8.55 -1.50
C CYS A 96 6.66 9.82 -1.19
N ALA A 97 7.30 10.96 -1.41
CA ALA A 97 6.74 12.24 -1.05
C ALA A 97 6.94 13.28 -2.17
N ARG A 98 6.02 14.21 -2.28
CA ARG A 98 6.16 15.32 -3.22
C ARG A 98 6.71 16.50 -2.44
N ARG A 99 7.55 17.31 -3.08
CA ARG A 99 8.04 18.54 -2.49
C ARG A 99 7.46 19.66 -3.30
N SER A 100 6.51 20.37 -2.72
CA SER A 100 5.82 21.43 -3.45
C SER A 100 6.75 22.63 -3.63
N TYR A 101 6.38 23.50 -4.54
CA TYR A 101 7.12 24.74 -4.73
C TYR A 101 6.87 25.64 -3.53
N ASP A 102 7.96 26.05 -2.88
CA ASP A 102 7.93 26.96 -1.74
C ASP A 102 7.78 28.43 -2.21
N SER A 103 6.68 29.07 -1.85
CA SER A 103 6.39 30.45 -2.25
C SER A 103 7.45 31.40 -1.70
N SER A 104 7.74 31.27 -0.40
CA SER A 104 8.90 31.91 0.22
C SER A 104 10.16 31.20 -0.30
N GLY A 105 11.32 31.51 0.27
CA GLY A 105 12.53 30.84 -0.18
C GLY A 105 13.10 31.44 -1.47
N TYR A 106 14.20 30.85 -1.91
CA TYR A 106 15.05 31.51 -2.89
C TYR A 106 15.87 30.56 -3.76
N ALA A 107 16.40 31.12 -4.85
CA ALA A 107 17.24 30.41 -5.82
C ALA A 107 17.99 29.18 -5.28
N GLY A 108 17.63 28.00 -5.79
CA GLY A 108 18.31 26.74 -5.42
C GLY A 108 17.83 26.13 -4.12
N HIS A 109 16.84 26.79 -3.50
CA HIS A 109 16.31 26.47 -2.18
C HIS A 109 14.78 26.57 -2.24
N PHE A 110 14.20 26.11 -3.35
CA PHE A 110 12.76 26.25 -3.64
C PHE A 110 11.97 24.96 -3.37
N TYR A 111 12.65 23.85 -3.08
CA TYR A 111 12.00 22.55 -2.90
C TYR A 111 12.59 21.82 -1.69
N SER A 112 12.29 22.36 -0.52
CA SER A 112 13.02 22.09 0.70
C SER A 112 12.35 21.00 1.56
N TYR A 113 11.02 20.97 1.48
CA TYR A 113 10.19 20.19 2.40
C TYR A 113 9.28 19.21 1.67
N MET A 114 8.93 18.14 2.37
CA MET A 114 8.10 17.07 1.83
C MET A 114 6.71 17.12 2.49
N ASP A 115 5.73 17.59 1.73
CA ASP A 115 4.41 17.97 2.27
C ASP A 115 3.27 16.99 2.03
N VAL A 116 3.42 16.06 1.09
CA VAL A 116 2.42 15.02 0.88
C VAL A 116 3.08 13.64 0.75
N TRP A 117 2.90 12.78 1.75
CA TRP A 117 3.53 11.47 1.72
C TRP A 117 2.59 10.39 1.24
N GLY A 118 3.19 9.31 0.74
CA GLY A 118 2.47 8.11 0.41
C GLY A 118 2.34 7.29 1.68
N GLN A 119 1.62 6.20 1.55
CA GLN A 119 1.22 5.39 2.71
C GLN A 119 2.26 4.30 2.97
N GLY A 120 3.09 4.01 1.97
CA GLY A 120 4.22 3.12 2.15
C GLY A 120 3.99 1.76 1.53
N THR A 121 5.09 1.04 1.28
CA THR A 121 5.03 -0.29 0.69
C THR A 121 6.26 -1.13 1.07
N LEU A 122 5.99 -2.32 1.60
CA LEU A 122 7.04 -3.15 2.19
C LEU A 122 7.81 -3.92 1.14
N VAL A 123 9.14 -3.81 1.22
CA VAL A 123 10.07 -4.56 0.42
C VAL A 123 10.86 -5.46 1.37
N THR A 124 10.65 -6.77 1.28
CA THR A 124 11.37 -7.73 2.11
C THR A 124 12.40 -8.50 1.27
N VAL A 125 13.64 -8.53 1.76
CA VAL A 125 14.73 -9.28 1.13
C VAL A 125 15.17 -10.46 2.04
N SER A 126 14.78 -11.67 1.63
CA SER A 126 15.09 -12.96 2.30
C SER A 126 16.19 -12.93 3.36
N VAL A 145 25.72 12.38 10.35
CA VAL A 145 24.23 12.50 10.26
C VAL A 145 23.76 13.34 11.45
N LEU A 146 22.54 13.88 11.37
CA LEU A 146 21.98 14.77 12.41
C LEU A 146 21.52 14.05 13.66
N THR A 147 21.89 14.59 14.82
CA THR A 147 21.67 13.96 16.12
C THR A 147 20.58 14.67 16.93
N GLN A 148 19.61 13.87 17.38
CA GLN A 148 18.59 14.29 18.34
C GLN A 148 18.68 13.35 19.54
N PRO A 149 18.17 13.77 20.69
CA PRO A 149 18.10 12.85 21.83
C PRO A 149 17.25 11.62 21.51
N SER A 150 17.49 10.52 22.23
CA SER A 150 16.81 9.25 21.97
C SER A 150 15.33 9.29 22.40
N SER A 151 15.06 10.04 23.48
CA SER A 151 13.72 10.12 24.05
C SER A 151 13.58 11.28 25.05
N VAL A 152 12.45 11.98 24.99
CA VAL A 152 12.07 12.97 26.01
C VAL A 152 10.66 12.69 26.57
N SER A 153 10.39 13.17 27.78
CA SER A 153 9.09 12.92 28.44
C SER A 153 8.53 14.17 29.13
N ALA A 154 7.21 14.26 29.21
CA ALA A 154 6.56 15.32 29.99
C ALA A 154 5.08 15.03 30.27
N ALA A 155 4.44 15.87 31.05
CA ALA A 155 3.05 15.71 31.37
C ALA A 155 2.24 16.72 30.56
N PRO A 156 0.95 16.43 30.32
CA PRO A 156 0.08 17.36 29.58
C PRO A 156 0.06 18.77 30.17
N GLY A 157 0.06 19.78 29.29
CA GLY A 157 0.10 21.18 29.67
C GLY A 157 1.50 21.77 29.72
N GLN A 158 2.50 20.89 29.82
CA GLN A 158 3.91 21.27 29.98
C GLN A 158 4.58 21.71 28.66
N LYS A 159 5.88 21.45 28.51
CA LYS A 159 6.63 21.98 27.38
C LYS A 159 7.89 21.14 27.11
N VAL A 160 7.96 20.53 25.93
CA VAL A 160 9.19 19.88 25.52
C VAL A 160 9.91 20.67 24.46
N THR A 161 11.19 20.40 24.38
CA THR A 161 12.06 20.98 23.39
C THR A 161 12.93 19.87 22.83
N ILE A 162 12.60 19.45 21.63
CA ILE A 162 13.40 18.50 20.89
C ILE A 162 14.48 19.26 20.11
N SER A 163 15.74 18.95 20.42
CA SER A 163 16.92 19.63 19.86
C SER A 163 17.54 18.79 18.76
N CYS A 164 17.80 19.43 17.61
CA CYS A 164 18.38 18.77 16.46
C CYS A 164 19.70 19.45 16.11
N SER A 165 20.82 18.77 16.30
CA SER A 165 22.12 19.41 16.11
C SER A 165 22.95 18.69 15.06
N GLY A 166 23.57 19.46 14.18
CA GLY A 166 24.47 18.96 13.17
C GLY A 166 25.70 19.86 12.95
N SER A 167 25.79 20.42 11.74
CA SER A 167 27.01 21.10 11.26
C SER A 167 26.74 22.20 10.22
N THR A 168 27.81 22.84 9.76
CA THR A 168 27.69 23.96 8.81
C THR A 168 27.21 23.45 7.46
N SER A 169 27.84 22.38 7.01
CA SER A 169 27.53 21.71 5.74
C SER A 169 26.01 21.64 5.49
N ASN A 170 25.27 21.21 6.52
CA ASN A 170 23.81 20.98 6.43
C ASN A 170 22.93 22.06 7.08
N ILE A 171 22.80 22.01 8.40
CA ILE A 171 21.78 22.74 9.16
C ILE A 171 22.07 24.24 9.23
N GLY A 172 23.34 24.60 9.34
CA GLY A 172 23.74 26.00 9.35
C GLY A 172 23.28 26.77 8.13
N ASN A 173 23.35 26.13 6.97
CA ASN A 173 23.12 26.79 5.68
C ASN A 173 21.75 26.57 5.11
N ASN A 174 21.20 25.39 5.36
CA ASN A 174 19.96 24.99 4.71
C ASN A 174 18.73 25.10 5.59
N TYR A 175 17.60 25.38 4.95
CA TYR A 175 16.28 25.31 5.55
C TYR A 175 16.07 23.94 6.22
N VAL A 176 15.55 23.93 7.45
CA VAL A 176 15.31 22.70 8.18
C VAL A 176 13.81 22.46 8.32
N SER A 177 13.44 21.18 8.39
CA SER A 177 12.04 20.78 8.49
C SER A 177 11.87 19.60 9.47
N TRP A 178 10.79 19.62 10.24
CA TRP A 178 10.48 18.55 11.18
C TRP A 178 9.30 17.70 10.76
N TYR A 179 9.38 16.39 10.99
CA TYR A 179 8.30 15.45 10.72
C TYR A 179 7.85 14.77 12.01
N GLN A 180 6.58 14.33 12.04
CA GLN A 180 6.00 13.58 13.16
C GLN A 180 5.55 12.20 12.67
N GLN A 181 5.64 11.17 13.51
CA GLN A 181 5.29 9.80 13.09
C GLN A 181 4.84 8.83 14.20
N HIS A 182 3.54 8.57 14.25
CA HIS A 182 2.99 7.50 15.10
C HIS A 182 3.39 6.16 14.52
N PRO A 183 3.67 5.18 15.37
CA PRO A 183 4.03 3.84 14.90
C PRO A 183 3.04 3.29 13.87
N GLY A 184 3.52 2.84 12.71
CA GLY A 184 2.68 2.21 11.70
C GLY A 184 2.17 3.10 10.58
N LYS A 185 1.93 4.37 10.89
CA LYS A 185 1.46 5.38 9.91
C LYS A 185 2.62 6.08 9.17
N ALA A 186 2.31 6.77 8.07
CA ALA A 186 3.33 7.51 7.34
C ALA A 186 3.66 8.83 8.05
N PRO A 187 4.87 9.38 7.86
CA PRO A 187 5.23 10.66 8.47
C PRO A 187 4.36 11.83 8.00
N LYS A 188 4.31 12.88 8.81
CA LYS A 188 3.49 14.07 8.57
C LYS A 188 4.32 15.35 8.77
N LEU A 189 4.18 16.30 7.86
CA LEU A 189 4.95 17.54 7.90
C LEU A 189 4.41 18.45 8.96
N MET A 190 5.26 18.83 9.92
CA MET A 190 4.88 19.74 11.01
C MET A 190 5.46 21.15 10.80
N ILE A 191 6.75 21.22 10.51
CA ILE A 191 7.42 22.51 10.36
C ILE A 191 8.41 22.52 9.18
N TYR A 192 8.35 23.58 8.36
CA TYR A 192 9.27 23.73 7.22
C TYR A 192 9.87 25.15 7.20
N ASP A 193 10.99 25.31 6.52
CA ASP A 193 11.70 26.60 6.46
C ASP A 193 12.01 27.11 7.86
N VAL A 194 12.40 26.18 8.73
CA VAL A 194 12.84 26.49 10.08
C VAL A 194 11.71 26.79 11.06
N SER A 195 10.77 27.68 10.71
CA SER A 195 9.80 28.17 11.68
C SER A 195 8.34 28.34 11.19
N LYS A 196 8.01 27.82 10.01
CA LYS A 196 6.67 27.97 9.45
C LYS A 196 5.89 26.68 9.65
N ARG A 197 4.56 26.73 9.52
CA ARG A 197 3.77 25.51 9.67
C ARG A 197 2.61 25.46 8.69
N PRO A 198 2.35 24.29 8.12
CA PRO A 198 1.30 24.15 7.10
C PRO A 198 -0.10 24.32 7.71
N SER A 199 -1.08 24.49 6.83
CA SER A 199 -2.47 24.67 7.28
C SER A 199 -2.88 23.51 8.17
N GLY A 200 -3.63 23.81 9.23
CA GLY A 200 -4.18 22.80 10.13
C GLY A 200 -3.14 22.13 11.02
N VAL A 201 -2.07 22.85 11.34
CA VAL A 201 -1.13 22.40 12.37
C VAL A 201 -1.24 23.37 13.54
N PRO A 202 -1.58 22.86 14.73
CA PRO A 202 -1.75 23.72 15.92
C PRO A 202 -0.54 24.61 16.16
N ASP A 203 -0.75 25.89 16.40
CA ASP A 203 0.37 26.83 16.63
C ASP A 203 1.19 26.51 17.89
N ARG A 204 0.75 25.57 18.70
CA ARG A 204 1.56 25.19 19.87
C ARG A 204 2.85 24.41 19.49
N PHE A 205 3.03 24.20 18.19
CA PHE A 205 4.26 23.70 17.60
C PHE A 205 5.08 24.89 17.08
N SER A 206 6.36 24.93 17.46
CA SER A 206 7.21 26.07 17.15
C SER A 206 8.61 25.59 16.80
N GLY A 207 9.14 26.11 15.70
CA GLY A 207 10.47 25.74 15.23
C GLY A 207 11.39 26.94 15.24
N SER A 208 12.67 26.69 15.49
CA SER A 208 13.68 27.74 15.47
C SER A 208 15.05 27.17 15.11
N LYS A 209 16.03 28.06 15.03
CA LYS A 209 17.39 27.70 14.63
C LYS A 209 18.38 28.68 15.24
N SER A 210 19.54 28.17 15.60
CA SER A 210 20.59 29.00 16.17
C SER A 210 21.97 28.37 15.93
N GLY A 211 22.59 28.80 14.83
CA GLY A 211 23.90 28.33 14.44
C GLY A 211 23.77 27.06 13.65
N ASN A 212 24.49 26.02 14.08
CA ASN A 212 24.43 24.71 13.46
C ASN A 212 23.57 23.74 14.30
N SER A 213 22.36 24.17 14.66
CA SER A 213 21.37 23.32 15.34
C SER A 213 19.99 23.98 15.46
N ALA A 214 18.95 23.25 15.05
CA ALA A 214 17.56 23.70 15.10
C ALA A 214 16.86 23.11 16.31
N SER A 215 15.61 23.52 16.54
CA SER A 215 14.87 23.11 17.72
C SER A 215 13.33 23.09 17.53
N LEU A 216 12.69 22.00 17.93
CA LEU A 216 11.24 21.89 17.87
C LEU A 216 10.71 22.14 19.26
N ASP A 217 9.61 22.88 19.35
CA ASP A 217 9.08 23.36 20.63
C ASP A 217 7.59 23.08 20.75
N ILE A 218 7.20 22.28 21.73
CA ILE A 218 5.79 21.98 21.97
C ILE A 218 5.34 22.47 23.35
N SER A 219 4.73 23.66 23.38
CA SER A 219 4.10 24.20 24.58
C SER A 219 2.64 23.76 24.64
N GLY A 220 2.19 23.35 25.82
CA GLY A 220 0.85 22.82 25.97
C GLY A 220 0.69 21.38 25.54
N LEU A 221 1.71 20.57 25.81
CA LEU A 221 1.77 19.16 25.36
C LEU A 221 0.43 18.45 25.53
N GLN A 222 0.09 17.60 24.56
CA GLN A 222 -1.17 16.82 24.61
C GLN A 222 -0.90 15.33 24.41
N SER A 223 -1.92 14.51 24.64
CA SER A 223 -1.74 13.06 24.59
C SER A 223 -1.51 12.54 23.16
N GLU A 224 -2.09 13.24 22.17
CA GLU A 224 -1.89 12.88 20.75
C GLU A 224 -0.46 13.21 20.26
N ASP A 225 0.14 14.26 20.82
CA ASP A 225 1.53 14.62 20.52
C ASP A 225 2.53 13.48 20.67
N GLU A 226 2.16 12.46 21.43
CA GLU A 226 2.97 11.27 21.66
C GLU A 226 3.29 10.54 20.36
N ALA A 227 4.54 10.65 19.91
CA ALA A 227 4.99 10.10 18.61
C ALA A 227 6.54 10.12 18.47
N ASP A 228 7.03 9.78 17.29
CA ASP A 228 8.44 9.94 16.94
C ASP A 228 8.64 11.24 16.16
N TYR A 229 9.67 12.02 16.50
CA TYR A 229 9.91 13.30 15.84
C TYR A 229 11.28 13.34 15.17
N TYR A 230 11.28 13.60 13.86
CA TYR A 230 12.48 13.73 13.05
C TYR A 230 12.71 15.16 12.60
N CYS A 231 13.96 15.52 12.40
CA CYS A 231 14.29 16.76 11.70
C CYS A 231 15.05 16.39 10.44
N ALA A 232 15.21 17.37 9.56
CA ALA A 232 15.83 17.10 8.28
C ALA A 232 16.31 18.35 7.60
N ALA A 233 17.40 18.22 6.84
CA ALA A 233 17.94 19.31 6.05
C ALA A 233 18.91 18.78 4.99
N TRP A 234 19.02 19.51 3.88
CA TRP A 234 19.97 19.17 2.81
C TRP A 234 21.40 19.42 3.27
N ASP A 235 22.35 18.61 2.81
CA ASP A 235 23.76 18.73 3.16
C ASP A 235 24.59 19.01 1.91
N ASP A 236 25.02 20.27 1.78
CA ASP A 236 25.74 20.76 0.59
C ASP A 236 26.99 19.97 0.23
N SER A 237 27.76 19.54 1.23
CA SER A 237 29.02 18.86 0.95
C SER A 237 28.87 17.39 0.56
N LEU A 238 27.86 16.72 1.11
CA LEU A 238 27.56 15.32 0.77
C LEU A 238 26.65 15.21 -0.47
N SER A 239 25.87 16.26 -0.71
CA SER A 239 24.81 16.29 -1.71
C SER A 239 23.77 15.19 -1.45
N GLU A 240 23.32 15.12 -0.20
CA GLU A 240 22.22 14.24 0.20
C GLU A 240 21.24 14.99 1.11
N PHE A 241 20.05 14.43 1.27
CA PHE A 241 19.06 14.91 2.24
C PHE A 241 19.20 14.05 3.50
N LEU A 242 19.24 14.71 4.65
CA LEU A 242 19.54 14.04 5.90
C LEU A 242 18.39 14.14 6.92
N PHE A 243 18.04 13.01 7.52
CA PHE A 243 17.12 12.97 8.64
C PHE A 243 17.90 12.78 9.92
N GLY A 244 17.30 13.20 11.04
CA GLY A 244 17.85 12.97 12.36
C GLY A 244 17.61 11.55 12.83
N THR A 245 18.28 11.14 13.92
CA THR A 245 18.15 9.76 14.44
C THR A 245 16.76 9.52 15.02
N GLY A 246 16.13 10.60 15.48
CA GLY A 246 14.74 10.58 15.91
C GLY A 246 14.56 10.57 17.41
N THR A 247 13.51 11.25 17.86
CA THR A 247 13.18 11.36 19.27
C THR A 247 11.79 10.75 19.51
N LYS A 248 11.73 9.80 20.45
CA LYS A 248 10.47 9.23 20.92
C LYS A 248 9.91 10.13 22.02
N LEU A 249 8.91 10.93 21.67
CA LEU A 249 8.16 11.72 22.66
C LEU A 249 7.12 10.86 23.37
N THR A 250 7.18 10.84 24.70
CA THR A 250 6.25 10.11 25.57
C THR A 250 5.52 11.11 26.48
N VAL A 251 4.19 11.07 26.44
CA VAL A 251 3.35 11.88 27.33
C VAL A 251 2.78 10.98 28.42
N LEU A 252 2.83 11.46 29.66
CA LEU A 252 2.50 10.65 30.83
C LEU A 252 0.96 10.52 30.97
N GLY A 253 0.46 9.31 30.77
CA GLY A 253 -0.89 9.12 30.25
C GLY A 253 -1.76 8.27 31.16
N GLN B 1 -11.74 6.71 -11.34
CA GLN B 1 -12.10 7.65 -10.26
C GLN B 1 -12.63 6.97 -8.98
N VAL B 2 -12.47 5.65 -8.88
CA VAL B 2 -12.71 4.96 -7.61
C VAL B 2 -11.59 3.98 -7.31
N GLN B 3 -11.06 4.07 -6.10
CA GLN B 3 -10.10 3.10 -5.65
C GLN B 3 -10.10 2.86 -4.15
N LEU B 4 -9.44 1.75 -3.79
CA LEU B 4 -9.21 1.34 -2.42
C LEU B 4 -7.71 1.37 -2.20
N VAL B 5 -7.24 2.21 -1.29
CA VAL B 5 -5.82 2.28 -0.96
C VAL B 5 -5.58 1.45 0.29
N GLU B 6 -4.55 0.61 0.26
CA GLU B 6 -4.20 -0.17 1.44
C GLU B 6 -2.94 0.34 2.10
N SER B 7 -2.88 0.19 3.41
CA SER B 7 -1.71 0.57 4.21
C SER B 7 -1.63 -0.28 5.47
N GLY B 8 -0.43 -0.41 6.02
CA GLY B 8 -0.25 -1.09 7.30
C GLY B 8 0.81 -2.17 7.29
N GLY B 9 1.04 -2.76 6.13
CA GLY B 9 1.89 -3.93 6.01
C GLY B 9 3.32 -3.71 6.48
N ASN B 10 3.92 -4.77 7.03
CA ASN B 10 5.25 -4.72 7.60
C ASN B 10 5.80 -6.10 7.94
N LEU B 11 7.12 -6.14 8.07
CA LEU B 11 7.83 -7.25 8.69
C LEU B 11 7.44 -7.32 10.18
N VAL B 12 7.21 -8.53 10.68
CA VAL B 12 6.80 -8.76 12.08
C VAL B 12 7.26 -10.14 12.60
N GLN B 13 7.32 -10.29 13.91
CA GLN B 13 7.75 -11.54 14.53
C GLN B 13 6.50 -12.40 14.76
N PRO B 14 6.68 -13.74 14.85
CA PRO B 14 5.55 -14.64 15.16
C PRO B 14 4.95 -14.37 16.53
N GLY B 15 3.65 -14.14 16.58
CA GLY B 15 2.97 -13.74 17.79
C GLY B 15 2.59 -12.26 17.78
N GLY B 16 3.31 -11.46 16.98
CA GLY B 16 3.10 -10.02 16.92
C GLY B 16 1.80 -9.62 16.24
N SER B 17 1.31 -8.43 16.55
CA SER B 17 0.07 -7.95 15.94
C SER B 17 0.36 -6.89 14.87
N LEU B 18 -0.70 -6.45 14.17
CA LEU B 18 -0.58 -5.59 13.00
C LEU B 18 -1.96 -5.15 12.53
N ARG B 19 -2.09 -3.90 12.14
CA ARG B 19 -3.41 -3.36 11.77
C ARG B 19 -3.40 -2.77 10.37
N LEU B 20 -3.77 -3.58 9.37
CA LEU B 20 -3.93 -3.14 8.00
C LEU B 20 -5.20 -2.29 7.84
N SER B 21 -5.23 -1.50 6.78
CA SER B 21 -6.36 -0.62 6.49
C SER B 21 -6.69 -0.56 5.00
N CYS B 22 -7.94 -0.25 4.70
CA CYS B 22 -8.43 -0.23 3.34
C CYS B 22 -9.29 1.01 3.25
N ALA B 23 -8.70 2.10 2.76
CA ALA B 23 -9.37 3.39 2.64
C ALA B 23 -10.03 3.54 1.30
N ALA B 24 -11.19 4.19 1.28
CA ALA B 24 -11.91 4.37 0.04
C ALA B 24 -11.82 5.81 -0.44
N SER B 25 -11.71 5.97 -1.74
CA SER B 25 -11.78 7.27 -2.39
C SER B 25 -12.71 7.16 -3.58
N GLY B 26 -13.64 8.10 -3.70
CA GLY B 26 -14.60 8.13 -4.80
C GLY B 26 -15.95 7.49 -4.49
N PHE B 27 -16.17 7.07 -3.25
CA PHE B 27 -17.46 6.53 -2.82
C PHE B 27 -17.50 6.34 -1.32
N THR B 28 -18.70 6.12 -0.80
CA THR B 28 -18.90 5.89 0.62
C THR B 28 -18.80 4.40 0.90
N PHE B 29 -17.71 3.98 1.50
CA PHE B 29 -17.49 2.58 1.86
C PHE B 29 -18.65 1.96 2.68
N GLY B 30 -19.31 2.77 3.50
CA GLY B 30 -20.38 2.32 4.40
C GLY B 30 -21.56 1.58 3.75
N SER B 31 -21.89 2.00 2.53
CA SER B 31 -23.03 1.45 1.76
C SER B 31 -22.72 0.14 0.99
N PHE B 32 -21.45 -0.21 0.88
CA PHE B 32 -21.02 -1.41 0.15
C PHE B 32 -20.59 -2.48 1.12
N SER B 33 -20.37 -3.68 0.60
CA SER B 33 -19.73 -4.76 1.33
C SER B 33 -18.28 -4.83 0.92
N MET B 34 -17.49 -5.67 1.57
CA MET B 34 -16.10 -5.82 1.14
C MET B 34 -15.50 -7.11 1.65
N SER B 35 -14.41 -7.56 1.02
CA SER B 35 -13.67 -8.74 1.46
C SER B 35 -12.18 -8.44 1.61
N TRP B 36 -11.47 -9.36 2.22
CA TRP B 36 -10.01 -9.33 2.27
C TRP B 36 -9.53 -10.66 1.72
N VAL B 37 -8.69 -10.61 0.69
CA VAL B 37 -8.12 -11.80 0.07
C VAL B 37 -6.59 -11.72 0.11
N ARG B 38 -5.93 -12.76 0.57
CA ARG B 38 -4.47 -12.78 0.58
C ARG B 38 -3.88 -13.64 -0.54
N GLN B 39 -2.58 -13.45 -0.77
CA GLN B 39 -1.83 -14.22 -1.75
C GLN B 39 -0.39 -14.41 -1.29
N ALA B 40 -0.08 -15.64 -0.89
CA ALA B 40 1.26 -15.98 -0.44
C ALA B 40 2.24 -15.99 -1.62
N PRO B 41 3.54 -15.88 -1.33
CA PRO B 41 4.57 -15.93 -2.37
C PRO B 41 4.47 -17.20 -3.19
N GLY B 42 4.38 -17.05 -4.51
CA GLY B 42 4.18 -18.16 -5.42
C GLY B 42 2.99 -19.03 -5.04
N GLY B 43 1.86 -18.38 -4.79
CA GLY B 43 0.64 -19.08 -4.40
C GLY B 43 -0.62 -18.44 -4.96
N GLY B 44 -1.73 -19.15 -4.86
CA GLY B 44 -2.97 -18.64 -5.42
C GLY B 44 -3.71 -17.73 -4.46
N LEU B 45 -4.90 -17.32 -4.88
CA LEU B 45 -5.79 -16.46 -4.09
C LEU B 45 -6.46 -17.22 -2.94
N GLU B 46 -6.57 -16.57 -1.78
CA GLU B 46 -7.15 -17.18 -0.59
C GLU B 46 -8.02 -16.18 0.20
N TRP B 47 -9.30 -16.49 0.36
CA TRP B 47 -10.24 -15.66 1.12
C TRP B 47 -10.03 -15.76 2.63
N VAL B 48 -10.07 -14.61 3.30
CA VAL B 48 -9.72 -14.46 4.70
C VAL B 48 -10.82 -13.88 5.55
N ALA B 49 -11.63 -12.96 5.02
CA ALA B 49 -12.68 -12.33 5.82
C ALA B 49 -13.53 -11.36 5.02
N GLY B 50 -14.69 -11.01 5.55
CA GLY B 50 -15.56 -10.08 4.87
C GLY B 50 -16.61 -9.42 5.73
N LEU B 51 -17.26 -8.42 5.14
CA LEU B 51 -18.35 -7.68 5.77
C LEU B 51 -19.55 -7.72 4.87
N SER B 52 -20.73 -7.65 5.46
CA SER B 52 -21.97 -7.56 4.71
C SER B 52 -22.37 -6.10 4.63
N ALA B 53 -23.39 -5.82 3.82
CA ALA B 53 -23.67 -4.45 3.41
C ALA B 53 -24.42 -3.68 4.51
N ARG B 54 -25.75 -3.74 4.50
CA ARG B 54 -26.55 -2.91 5.42
C ARG B 54 -26.46 -3.44 6.87
N SER B 55 -26.06 -4.71 7.00
CA SER B 55 -25.71 -5.33 8.30
C SER B 55 -24.33 -4.87 8.80
N SER B 56 -23.78 -5.57 9.79
CA SER B 56 -22.35 -5.46 10.13
C SER B 56 -21.82 -6.87 10.43
N LEU B 57 -22.42 -7.83 9.72
CA LEU B 57 -22.13 -9.25 9.89
C LEU B 57 -20.77 -9.59 9.31
N THR B 58 -19.85 -9.99 10.18
CA THR B 58 -18.54 -10.42 9.75
C THR B 58 -18.58 -11.90 9.39
N HIS B 59 -17.56 -12.35 8.68
CA HIS B 59 -17.38 -13.73 8.29
C HIS B 59 -15.89 -13.97 8.18
N TYR B 60 -15.41 -15.05 8.77
CA TYR B 60 -13.98 -15.33 8.76
C TYR B 60 -13.71 -16.70 8.21
N ALA B 61 -12.47 -16.91 7.80
CA ALA B 61 -12.02 -18.20 7.33
C ALA B 61 -11.56 -18.99 8.54
N ASP B 62 -11.76 -20.30 8.50
CA ASP B 62 -11.40 -21.22 9.59
C ASP B 62 -9.96 -21.01 10.10
N SER B 63 -9.05 -20.67 9.19
CA SER B 63 -7.64 -20.52 9.54
C SER B 63 -7.38 -19.29 10.38
N VAL B 64 -8.06 -18.20 10.03
CA VAL B 64 -7.87 -16.93 10.72
C VAL B 64 -8.85 -16.67 11.88
N LYS B 65 -9.79 -17.58 12.16
CA LYS B 65 -10.76 -17.39 13.26
C LYS B 65 -10.03 -17.31 14.61
N GLY B 66 -10.61 -16.54 15.52
CA GLY B 66 -9.99 -16.25 16.80
C GLY B 66 -8.65 -15.52 16.69
N ARG B 67 -8.39 -14.93 15.54
CA ARG B 67 -7.10 -14.28 15.28
C ARG B 67 -7.29 -12.89 14.65
N PHE B 68 -8.12 -12.82 13.62
CA PHE B 68 -8.31 -11.63 12.84
C PHE B 68 -9.70 -11.09 13.11
N THR B 69 -9.79 -9.77 13.25
CA THR B 69 -11.06 -9.08 13.44
C THR B 69 -11.18 -8.06 12.34
N ILE B 70 -12.39 -7.78 11.87
CA ILE B 70 -12.58 -6.77 10.83
C ILE B 70 -13.68 -5.79 11.21
N SER B 71 -13.26 -4.60 11.62
CA SER B 71 -14.14 -3.46 11.89
C SER B 71 -14.12 -2.43 10.76
N ARG B 72 -15.05 -1.47 10.83
CA ARG B 72 -15.12 -0.38 9.88
C ARG B 72 -15.29 0.94 10.58
N ASP B 73 -14.54 1.93 10.10
CA ASP B 73 -14.55 3.28 10.64
C ASP B 73 -15.26 4.16 9.61
N ASN B 74 -16.59 4.18 9.66
CA ASN B 74 -17.43 4.98 8.76
C ASN B 74 -16.99 6.47 8.64
N ALA B 75 -16.37 7.00 9.69
CA ALA B 75 -15.86 8.38 9.70
C ALA B 75 -14.68 8.55 8.76
N LYS B 76 -13.67 7.70 8.93
CA LYS B 76 -12.49 7.67 8.07
C LYS B 76 -12.71 6.95 6.72
N ASN B 77 -13.97 6.66 6.38
CA ASN B 77 -14.31 6.04 5.12
C ASN B 77 -13.45 4.81 4.83
N SER B 78 -13.07 4.07 5.87
CA SER B 78 -12.18 2.92 5.68
C SER B 78 -12.58 1.67 6.46
N VAL B 79 -11.80 0.61 6.30
CA VAL B 79 -12.04 -0.69 6.92
C VAL B 79 -10.71 -1.27 7.38
N TYR B 80 -10.62 -1.69 8.65
CA TYR B 80 -9.37 -2.27 9.18
C TYR B 80 -9.44 -3.79 9.30
N LEU B 81 -8.32 -4.45 9.04
CA LEU B 81 -8.15 -5.86 9.41
C LEU B 81 -7.16 -5.94 10.55
N GLN B 82 -7.69 -6.14 11.75
CA GLN B 82 -6.89 -6.35 12.95
C GLN B 82 -6.37 -7.81 12.95
N MET B 83 -5.06 -7.98 12.79
CA MET B 83 -4.44 -9.30 12.74
C MET B 83 -3.61 -9.55 13.99
N ASN B 84 -3.93 -10.64 14.70
CA ASN B 84 -3.24 -11.02 15.94
C ASN B 84 -2.60 -12.40 15.88
N SER B 85 -1.59 -12.61 16.73
CA SER B 85 -0.95 -13.92 16.89
C SER B 85 -0.46 -14.42 15.54
N LEU B 86 0.24 -13.55 14.82
CA LEU B 86 0.63 -13.86 13.43
C LEU B 86 1.55 -15.09 13.36
N ARG B 87 1.30 -15.96 12.40
CA ARG B 87 2.16 -17.10 12.13
C ARG B 87 2.92 -16.84 10.82
N VAL B 88 3.98 -17.61 10.60
CA VAL B 88 4.74 -17.54 9.35
C VAL B 88 3.83 -17.93 8.16
N GLU B 89 2.74 -18.63 8.49
CA GLU B 89 1.82 -19.13 7.50
C GLU B 89 0.84 -18.03 7.08
N ASP B 90 1.02 -16.82 7.61
CA ASP B 90 0.23 -15.68 7.19
C ASP B 90 0.94 -14.80 6.14
N THR B 91 2.27 -14.89 6.06
CA THR B 91 3.08 -14.13 5.10
C THR B 91 2.44 -14.10 3.70
N ALA B 92 2.02 -12.92 3.26
CA ALA B 92 1.36 -12.76 1.96
C ALA B 92 1.08 -11.29 1.67
N VAL B 93 0.92 -10.95 0.40
CA VAL B 93 0.31 -9.66 0.04
C VAL B 93 -1.20 -9.75 0.26
N TYR B 94 -1.76 -8.76 0.96
CA TYR B 94 -3.18 -8.75 1.31
C TYR B 94 -3.91 -7.73 0.44
N TYR B 95 -4.92 -8.20 -0.29
CA TYR B 95 -5.81 -7.36 -1.09
C TYR B 95 -7.10 -7.13 -0.35
N CYS B 96 -7.71 -5.98 -0.57
CA CYS B 96 -9.10 -5.79 -0.16
C CYS B 96 -9.91 -5.36 -1.35
N ALA B 97 -11.06 -5.97 -1.52
CA ALA B 97 -11.95 -5.64 -2.60
C ALA B 97 -13.27 -5.18 -2.01
N ARG B 98 -14.01 -4.38 -2.78
CA ARG B 98 -15.38 -4.10 -2.44
C ARG B 98 -16.25 -5.04 -3.24
N ARG B 99 -17.50 -5.22 -2.82
CA ARG B 99 -18.50 -5.97 -3.57
C ARG B 99 -19.69 -5.05 -3.75
N SER B 100 -20.08 -4.80 -4.99
CA SER B 100 -21.18 -3.90 -5.30
C SER B 100 -22.49 -4.63 -5.20
N TYR B 101 -23.55 -3.89 -4.96
CA TYR B 101 -24.91 -4.45 -5.01
C TYR B 101 -25.23 -4.89 -6.44
N ASP B 102 -25.57 -6.15 -6.58
CA ASP B 102 -25.86 -6.79 -7.86
C ASP B 102 -27.33 -6.58 -8.19
N SER B 103 -27.59 -5.77 -9.19
CA SER B 103 -28.95 -5.50 -9.60
C SER B 103 -29.74 -6.76 -10.07
N SER B 104 -29.05 -7.86 -10.46
CA SER B 104 -29.71 -9.11 -10.91
C SER B 104 -29.65 -10.32 -9.99
N GLY B 105 -29.67 -10.14 -8.68
CA GLY B 105 -29.48 -11.24 -7.75
C GLY B 105 -30.78 -11.57 -7.04
N TYR B 106 -30.81 -12.68 -6.32
CA TYR B 106 -31.95 -12.99 -5.47
C TYR B 106 -31.57 -12.64 -4.05
N ALA B 107 -32.56 -12.61 -3.15
CA ALA B 107 -32.35 -12.25 -1.76
C ALA B 107 -31.24 -13.09 -1.14
N GLY B 108 -30.28 -12.43 -0.48
CA GLY B 108 -29.16 -13.10 0.17
C GLY B 108 -27.98 -13.43 -0.72
N HIS B 109 -28.06 -12.98 -1.97
CA HIS B 109 -27.08 -13.23 -3.02
C HIS B 109 -26.95 -11.97 -3.88
N PHE B 110 -26.95 -10.81 -3.23
CA PHE B 110 -26.77 -9.53 -3.93
C PHE B 110 -25.30 -9.05 -3.96
N TYR B 111 -24.38 -9.80 -3.35
CA TYR B 111 -22.98 -9.36 -3.23
C TYR B 111 -22.04 -10.52 -3.47
N SER B 112 -22.07 -11.04 -4.70
CA SER B 112 -21.40 -12.30 -5.07
C SER B 112 -20.04 -12.16 -5.77
N TYR B 113 -19.77 -10.99 -6.32
CA TYR B 113 -18.51 -10.75 -7.03
C TYR B 113 -17.74 -9.56 -6.44
N MET B 114 -16.42 -9.60 -6.57
CA MET B 114 -15.57 -8.51 -6.14
C MET B 114 -15.09 -7.71 -7.37
N ASP B 115 -15.71 -6.54 -7.57
CA ASP B 115 -15.53 -5.75 -8.80
C ASP B 115 -14.39 -4.72 -8.77
N VAL B 116 -14.05 -4.19 -7.62
CA VAL B 116 -12.96 -3.22 -7.50
C VAL B 116 -11.96 -3.81 -6.52
N TRP B 117 -10.68 -3.65 -6.79
CA TRP B 117 -9.64 -4.22 -5.94
C TRP B 117 -8.60 -3.20 -5.51
N GLY B 118 -8.03 -3.40 -4.32
CA GLY B 118 -6.93 -2.59 -3.85
C GLY B 118 -5.62 -2.97 -4.53
N GLN B 119 -4.56 -2.25 -4.15
CA GLN B 119 -3.29 -2.36 -4.85
C GLN B 119 -2.38 -3.39 -4.19
N GLY B 120 -2.69 -3.73 -2.95
CA GLY B 120 -1.99 -4.76 -2.20
C GLY B 120 -1.11 -4.14 -1.12
N THR B 121 -0.89 -4.92 -0.07
CA THR B 121 0.14 -4.57 0.90
C THR B 121 0.76 -5.81 1.51
N LEU B 122 2.07 -5.93 1.37
CA LEU B 122 2.81 -7.07 1.85
C LEU B 122 2.83 -7.10 3.39
N VAL B 123 2.67 -8.30 3.95
CA VAL B 123 2.84 -8.58 5.37
C VAL B 123 3.82 -9.74 5.45
N THR B 124 4.94 -9.56 6.14
CA THR B 124 5.97 -10.59 6.24
C THR B 124 6.15 -10.98 7.68
N VAL B 125 6.26 -12.28 7.94
CA VAL B 125 6.42 -12.78 9.30
C VAL B 125 7.82 -13.40 9.49
N SER B 126 8.76 -12.51 9.86
CA SER B 126 10.17 -12.76 10.19
C SER B 126 10.73 -14.16 10.00
N SER B 144 -9.13 -25.48 1.46
CA SER B 144 -10.33 -25.91 0.71
C SER B 144 -10.51 -25.09 -0.58
N VAL B 145 -10.80 -25.82 -1.67
CA VAL B 145 -10.54 -25.33 -3.02
C VAL B 145 -11.39 -25.93 -4.17
N LEU B 146 -11.62 -25.11 -5.20
CA LEU B 146 -12.15 -25.56 -6.49
C LEU B 146 -10.96 -25.93 -7.40
N THR B 147 -11.04 -27.05 -8.13
CA THR B 147 -9.86 -27.53 -8.86
C THR B 147 -9.84 -27.08 -10.34
N GLN B 148 -8.72 -26.51 -10.77
CA GLN B 148 -8.54 -26.08 -12.15
C GLN B 148 -7.27 -26.75 -12.74
N PRO B 149 -7.21 -26.88 -14.05
CA PRO B 149 -6.00 -27.38 -14.69
C PRO B 149 -4.82 -26.44 -14.46
N SER B 150 -3.72 -27.00 -13.99
CA SER B 150 -2.47 -26.26 -13.73
C SER B 150 -2.11 -25.29 -14.85
N SER B 151 -2.29 -25.75 -16.10
CA SER B 151 -1.92 -24.96 -17.28
C SER B 151 -2.69 -25.38 -18.54
N VAL B 152 -2.98 -24.38 -19.39
CA VAL B 152 -3.59 -24.60 -20.71
C VAL B 152 -2.98 -23.68 -21.77
N SER B 153 -3.05 -24.14 -23.03
CA SER B 153 -2.38 -23.45 -24.12
C SER B 153 -3.14 -23.53 -25.43
N ALA B 154 -2.94 -22.50 -26.23
CA ALA B 154 -3.41 -22.46 -27.60
C ALA B 154 -2.57 -21.49 -28.45
N ALA B 155 -2.81 -21.49 -29.76
CA ALA B 155 -2.17 -20.55 -30.68
C ALA B 155 -3.16 -19.44 -30.98
N PRO B 156 -2.70 -18.21 -31.16
CA PRO B 156 -3.60 -17.06 -31.34
C PRO B 156 -4.76 -17.33 -32.32
N GLY B 157 -5.85 -16.56 -32.22
CA GLY B 157 -7.05 -16.79 -33.01
C GLY B 157 -7.91 -18.02 -32.70
N GLN B 158 -7.47 -18.84 -31.74
CA GLN B 158 -8.15 -20.12 -31.41
C GLN B 158 -9.09 -20.03 -30.18
N LYS B 159 -9.55 -21.19 -29.70
CA LYS B 159 -10.45 -21.25 -28.55
C LYS B 159 -9.90 -22.14 -27.43
N VAL B 160 -9.87 -21.60 -26.22
CA VAL B 160 -9.51 -22.36 -25.03
C VAL B 160 -10.70 -22.44 -24.09
N THR B 161 -10.67 -23.45 -23.23
CA THR B 161 -11.68 -23.66 -22.21
C THR B 161 -11.02 -24.01 -20.89
N ILE B 162 -11.19 -23.14 -19.90
CA ILE B 162 -10.71 -23.36 -18.55
C ILE B 162 -11.87 -23.87 -17.73
N SER B 163 -11.72 -25.06 -17.16
CA SER B 163 -12.80 -25.68 -16.40
C SER B 163 -12.47 -25.58 -14.90
N CYS B 164 -13.53 -25.40 -14.12
CA CYS B 164 -13.46 -25.19 -12.67
C CYS B 164 -14.43 -26.14 -12.00
N SER B 165 -13.94 -27.23 -11.41
CA SER B 165 -14.83 -28.22 -10.83
C SER B 165 -14.77 -28.25 -9.31
N GLY B 166 -15.94 -28.14 -8.69
CA GLY B 166 -16.08 -28.19 -7.24
C GLY B 166 -17.17 -29.17 -6.80
N SER B 167 -18.08 -28.70 -5.96
CA SER B 167 -19.12 -29.57 -5.40
C SER B 167 -20.51 -28.90 -5.38
N THR B 168 -21.52 -29.67 -4.97
CA THR B 168 -22.92 -29.19 -4.92
C THR B 168 -23.11 -27.97 -4.01
N SER B 169 -22.51 -28.04 -2.83
CA SER B 169 -22.57 -26.96 -1.83
C SER B 169 -22.08 -25.62 -2.36
N ASN B 170 -21.02 -25.63 -3.15
CA ASN B 170 -20.41 -24.40 -3.64
C ASN B 170 -20.80 -24.01 -5.07
N ILE B 171 -20.41 -24.77 -6.08
CA ILE B 171 -20.71 -24.38 -7.45
C ILE B 171 -22.19 -24.60 -7.74
N GLY B 172 -22.69 -25.79 -7.40
CA GLY B 172 -24.06 -26.18 -7.67
C GLY B 172 -25.12 -25.11 -7.47
N ASN B 173 -25.18 -24.55 -6.26
CA ASN B 173 -26.24 -23.61 -5.86
C ASN B 173 -25.89 -22.11 -5.84
N ASN B 174 -24.61 -21.77 -6.02
CA ASN B 174 -24.15 -20.38 -5.97
C ASN B 174 -23.59 -19.84 -7.28
N TYR B 175 -23.49 -18.52 -7.33
CA TYR B 175 -22.89 -17.86 -8.47
C TYR B 175 -21.40 -18.14 -8.52
N VAL B 176 -20.86 -18.21 -9.73
CA VAL B 176 -19.44 -18.40 -9.96
C VAL B 176 -18.89 -17.18 -10.69
N SER B 177 -17.79 -16.65 -10.18
CA SER B 177 -17.12 -15.50 -10.74
C SER B 177 -15.67 -15.86 -11.10
N TRP B 178 -15.14 -15.23 -12.14
CA TRP B 178 -13.82 -15.46 -12.69
C TRP B 178 -12.97 -14.21 -12.60
N TYR B 179 -11.68 -14.37 -12.30
CA TYR B 179 -10.77 -13.26 -12.11
C TYR B 179 -9.50 -13.50 -12.91
N GLN B 180 -8.95 -12.43 -13.48
CA GLN B 180 -7.70 -12.47 -14.25
C GLN B 180 -6.59 -11.75 -13.46
N GLN B 181 -5.37 -12.29 -13.50
CA GLN B 181 -4.22 -11.72 -12.78
C GLN B 181 -2.92 -11.85 -13.54
N HIS B 182 -2.42 -10.73 -14.07
CA HIS B 182 -1.07 -10.65 -14.63
C HIS B 182 -0.12 -10.60 -13.44
N PRO B 183 0.94 -11.43 -13.43
CA PRO B 183 1.87 -11.45 -12.29
C PRO B 183 2.28 -10.07 -11.79
N GLY B 184 2.37 -9.94 -10.47
CA GLY B 184 2.75 -8.69 -9.83
C GLY B 184 1.59 -7.82 -9.37
N LYS B 185 0.55 -7.70 -10.20
CA LYS B 185 -0.55 -6.76 -9.91
C LYS B 185 -1.83 -7.46 -9.38
N ALA B 186 -2.85 -6.64 -9.11
CA ALA B 186 -4.10 -7.05 -8.50
C ALA B 186 -4.98 -7.75 -9.50
N PRO B 187 -5.88 -8.61 -9.05
CA PRO B 187 -6.83 -9.28 -9.95
C PRO B 187 -7.90 -8.35 -10.53
N LYS B 188 -8.56 -8.85 -11.58
CA LYS B 188 -9.55 -8.11 -12.36
C LYS B 188 -10.77 -9.01 -12.56
N LEU B 189 -11.96 -8.42 -12.42
CA LEU B 189 -13.20 -9.19 -12.51
C LEU B 189 -13.56 -9.42 -13.98
N MET B 190 -13.44 -10.66 -14.42
CA MET B 190 -13.74 -10.99 -15.81
C MET B 190 -15.20 -11.35 -15.99
N ILE B 191 -15.69 -12.26 -15.15
CA ILE B 191 -17.06 -12.75 -15.28
C ILE B 191 -17.74 -12.94 -13.91
N TYR B 192 -19.02 -12.56 -13.82
CA TYR B 192 -19.81 -12.70 -12.60
C TYR B 192 -21.19 -13.28 -12.88
N ASP B 193 -21.86 -13.77 -11.83
CA ASP B 193 -23.19 -14.39 -11.95
C ASP B 193 -23.18 -15.47 -13.01
N VAL B 194 -22.07 -16.22 -13.04
CA VAL B 194 -21.83 -17.34 -13.95
C VAL B 194 -21.46 -16.95 -15.39
N SER B 195 -22.26 -16.07 -16.01
CA SER B 195 -22.16 -15.82 -17.44
C SER B 195 -22.27 -14.37 -17.88
N LYS B 196 -22.16 -13.42 -16.96
CA LYS B 196 -22.28 -11.99 -17.26
C LYS B 196 -20.89 -11.36 -17.18
N ARG B 197 -20.68 -10.23 -17.87
CA ARG B 197 -19.35 -9.60 -17.89
C ARG B 197 -19.41 -8.06 -17.79
N PRO B 198 -18.59 -7.47 -16.91
CA PRO B 198 -18.69 -6.03 -16.62
C PRO B 198 -18.31 -5.18 -17.80
N SER B 199 -18.87 -3.97 -17.88
CA SER B 199 -18.55 -3.08 -19.00
C SER B 199 -17.03 -2.94 -19.14
N GLY B 200 -16.51 -3.23 -20.33
CA GLY B 200 -15.10 -3.09 -20.60
C GLY B 200 -14.36 -4.42 -20.63
N VAL B 201 -15.11 -5.50 -20.85
CA VAL B 201 -14.53 -6.80 -21.10
C VAL B 201 -15.09 -7.27 -22.44
N PRO B 202 -14.20 -7.67 -23.35
CA PRO B 202 -14.63 -8.07 -24.69
C PRO B 202 -15.54 -9.30 -24.67
N ASP B 203 -16.51 -9.32 -25.57
CA ASP B 203 -17.48 -10.42 -25.70
C ASP B 203 -16.91 -11.75 -26.19
N ARG B 204 -15.59 -11.80 -26.40
CA ARG B 204 -14.91 -13.06 -26.73
C ARG B 204 -14.65 -13.89 -25.46
N PHE B 205 -14.98 -13.32 -24.30
CA PHE B 205 -14.97 -14.01 -23.01
C PHE B 205 -16.37 -14.48 -22.61
N SER B 206 -16.49 -15.79 -22.38
CA SER B 206 -17.77 -16.44 -22.08
C SER B 206 -17.70 -17.20 -20.75
N GLY B 207 -18.85 -17.40 -20.11
CA GLY B 207 -18.92 -18.16 -18.88
C GLY B 207 -20.18 -19.00 -18.78
N SER B 208 -20.02 -20.24 -18.33
CA SER B 208 -21.12 -21.21 -18.32
C SER B 208 -21.10 -22.05 -17.06
N LYS B 209 -22.21 -22.72 -16.78
CA LYS B 209 -22.33 -23.60 -15.62
C LYS B 209 -23.07 -24.87 -16.03
N SER B 210 -22.47 -26.02 -15.79
CA SER B 210 -23.15 -27.32 -15.93
C SER B 210 -22.92 -28.24 -14.71
N GLY B 211 -23.88 -28.21 -13.80
CA GLY B 211 -23.84 -29.05 -12.62
C GLY B 211 -22.95 -28.50 -11.54
N ASN B 212 -22.00 -29.33 -11.11
CA ASN B 212 -21.09 -29.02 -10.02
C ASN B 212 -19.76 -28.49 -10.56
N SER B 213 -19.77 -27.99 -11.81
CA SER B 213 -18.58 -27.38 -12.42
C SER B 213 -18.90 -26.32 -13.50
N ALA B 214 -18.06 -25.29 -13.56
CA ALA B 214 -18.23 -24.11 -14.40
C ALA B 214 -17.03 -23.94 -15.34
N SER B 215 -17.20 -23.09 -16.34
CA SER B 215 -16.28 -23.04 -17.47
C SER B 215 -16.09 -21.62 -17.99
N LEU B 216 -14.83 -21.20 -18.13
CA LEU B 216 -14.49 -19.95 -18.77
C LEU B 216 -14.07 -20.26 -20.20
N ASP B 217 -14.61 -19.53 -21.15
CA ASP B 217 -14.29 -19.75 -22.54
C ASP B 217 -13.75 -18.47 -23.13
N ILE B 218 -12.53 -18.53 -23.63
CA ILE B 218 -11.93 -17.43 -24.35
C ILE B 218 -11.74 -17.89 -25.79
N SER B 219 -12.42 -17.22 -26.72
CA SER B 219 -12.30 -17.43 -28.16
C SER B 219 -11.54 -16.25 -28.80
N GLY B 220 -11.08 -16.37 -30.06
CA GLY B 220 -10.26 -15.33 -30.68
C GLY B 220 -9.05 -14.96 -29.82
N LEU B 221 -8.33 -15.99 -29.40
CA LEU B 221 -7.35 -15.88 -28.34
C LEU B 221 -6.23 -14.95 -28.74
N GLN B 222 -5.91 -14.00 -27.87
CA GLN B 222 -4.87 -13.02 -28.13
C GLN B 222 -3.71 -13.20 -27.18
N SER B 223 -2.62 -12.49 -27.44
CA SER B 223 -1.39 -12.62 -26.64
C SER B 223 -1.46 -11.82 -25.36
N GLU B 224 -2.42 -10.90 -25.28
CA GLU B 224 -2.66 -10.15 -24.05
C GLU B 224 -3.44 -10.97 -23.03
N ASP B 225 -4.18 -11.96 -23.52
CA ASP B 225 -4.99 -12.85 -22.68
C ASP B 225 -4.16 -13.77 -21.81
N GLU B 226 -2.90 -13.94 -22.17
CA GLU B 226 -1.90 -14.67 -21.40
C GLU B 226 -1.87 -14.13 -19.97
N ALA B 227 -2.17 -14.99 -19.00
CA ALA B 227 -2.20 -14.63 -17.58
C ALA B 227 -2.87 -15.74 -16.78
N ASP B 228 -2.88 -15.60 -15.46
CA ASP B 228 -3.53 -16.58 -14.58
C ASP B 228 -5.03 -16.28 -14.39
N TYR B 229 -5.84 -17.33 -14.34
CA TYR B 229 -7.29 -17.19 -14.23
C TYR B 229 -7.83 -17.96 -13.02
N TYR B 230 -8.71 -17.32 -12.28
CA TYR B 230 -9.23 -17.86 -11.04
C TYR B 230 -10.74 -17.90 -11.09
N CYS B 231 -11.31 -18.98 -10.63
CA CYS B 231 -12.75 -19.05 -10.43
C CYS B 231 -13.06 -19.02 -8.95
N ALA B 232 -14.30 -18.76 -8.61
CA ALA B 232 -14.64 -18.58 -7.22
C ALA B 232 -16.13 -18.61 -7.02
N ALA B 233 -16.54 -18.88 -5.79
CA ALA B 233 -17.95 -19.08 -5.45
C ALA B 233 -18.13 -19.29 -3.95
N TRP B 234 -19.29 -18.90 -3.45
CA TRP B 234 -19.62 -19.14 -2.05
C TRP B 234 -19.89 -20.62 -1.83
N ASP B 235 -19.62 -21.08 -0.61
CA ASP B 235 -19.90 -22.45 -0.18
C ASP B 235 -20.88 -22.40 0.99
N ASP B 236 -22.01 -23.09 0.84
CA ASP B 236 -23.10 -23.04 1.83
C ASP B 236 -22.78 -23.81 3.11
N SER B 237 -21.87 -24.76 3.03
CA SER B 237 -21.58 -25.70 4.11
C SER B 237 -20.50 -25.19 5.02
N LEU B 238 -19.38 -24.80 4.39
CA LEU B 238 -18.19 -24.29 5.08
C LEU B 238 -18.39 -22.83 5.49
N SER B 239 -19.33 -22.17 4.83
CA SER B 239 -19.59 -20.74 4.98
C SER B 239 -18.34 -19.89 4.69
N GLU B 240 -17.75 -20.15 3.52
CA GLU B 240 -16.51 -19.50 3.08
C GLU B 240 -16.51 -19.19 1.59
N PHE B 241 -15.76 -18.17 1.19
CA PHE B 241 -15.58 -17.87 -0.23
C PHE B 241 -14.39 -18.65 -0.72
N LEU B 242 -14.58 -19.40 -1.80
CA LEU B 242 -13.56 -20.30 -2.29
C LEU B 242 -12.97 -19.85 -3.60
N PHE B 243 -11.64 -19.87 -3.71
CA PHE B 243 -10.98 -19.56 -4.95
C PHE B 243 -10.49 -20.86 -5.60
N GLY B 244 -10.34 -20.85 -6.92
CA GLY B 244 -9.80 -21.99 -7.63
C GLY B 244 -8.32 -22.10 -7.35
N THR B 245 -7.68 -23.15 -7.84
CA THR B 245 -6.23 -23.34 -7.64
C THR B 245 -5.41 -22.50 -8.60
N GLY B 246 -6.03 -22.15 -9.74
CA GLY B 246 -5.45 -21.25 -10.73
C GLY B 246 -4.95 -21.95 -11.99
N THR B 247 -5.13 -21.31 -13.13
CA THR B 247 -4.74 -21.86 -14.41
C THR B 247 -3.90 -20.81 -15.12
N LYS B 248 -2.63 -21.12 -15.37
CA LYS B 248 -1.76 -20.25 -16.15
C LYS B 248 -2.08 -20.44 -17.64
N LEU B 249 -2.61 -19.40 -18.28
CA LEU B 249 -2.91 -19.46 -19.72
C LEU B 249 -1.71 -18.91 -20.49
N THR B 250 -1.20 -19.72 -21.42
CA THR B 250 -0.03 -19.36 -22.23
C THR B 250 -0.41 -19.47 -23.71
N VAL B 251 -0.19 -18.38 -24.44
CA VAL B 251 -0.49 -18.28 -25.86
C VAL B 251 0.81 -18.46 -26.63
N LEU B 252 0.95 -19.59 -27.32
CA LEU B 252 2.18 -19.91 -28.04
C LEU B 252 2.48 -18.90 -29.15
#